data_4CJT
#
_entry.id   4CJT
#
_cell.length_a   71.160
_cell.length_b   71.160
_cell.length_c   67.080
_cell.angle_alpha   90.00
_cell.angle_beta   90.00
_cell.angle_gamma   120.00
#
_symmetry.space_group_name_H-M   'P 31'
#
loop_
_entity.id
_entity.type
_entity.pdbx_description
1 polymer INTEGRASE
2 non-polymer 'SULFATE ION'
3 non-polymer GLYCEROL
4 non-polymer 'ACETATE ION'
5 non-polymer 1,2-benzoxazol-3-amine
6 water water
#
_entity_poly.entity_id   1
_entity_poly.type   'polypeptide(L)'
_entity_poly.pdbx_seq_one_letter_code
;MGSSHHHHHHSSGLVPRGSHMHGQVDSSPGIWQLDCTHLEGKVILVAVHVASGYIEAEVIPAETGQETAYFLLKLAGRWP
VKTVHTDNGSNFTSTTVKAACWWAGIKQEDGIPYNPQSQGVIESMNKELKKIIGQVRDQAEHLKTAVQMAVFIHNHKRKG
GIGGYSAGERIVDIIATDIQTKE
;
_entity_poly.pdbx_strand_id   A,B
#
loop_
_chem_comp.id
_chem_comp.type
_chem_comp.name
_chem_comp.formula
ACT non-polymer 'ACETATE ION' 'C2 H3 O2 -1'
GOL non-polymer GLYCEROL 'C3 H8 O3'
HLR non-polymer 1,2-benzoxazol-3-amine 'C7 H6 N2 O'
SO4 non-polymer 'SULFATE ION' 'O4 S -2'
#
# COMPACT_ATOMS: atom_id res chain seq x y z
N SER A 27 -19.54 6.48 -8.04
CA SER A 27 -18.44 7.34 -8.56
C SER A 27 -17.21 6.51 -8.89
N SER A 28 -17.00 6.30 -10.18
CA SER A 28 -15.90 5.46 -10.71
C SER A 28 -14.47 5.67 -10.17
N PRO A 29 -14.09 6.90 -9.80
CA PRO A 29 -12.76 7.00 -9.16
C PRO A 29 -12.58 6.16 -7.89
N GLY A 30 -13.67 5.94 -7.16
CA GLY A 30 -13.60 5.25 -5.87
C GLY A 30 -13.95 3.77 -5.86
N ILE A 31 -14.12 3.18 -7.04
CA ILE A 31 -14.60 1.79 -7.14
C ILE A 31 -13.46 0.77 -7.26
N TRP A 32 -13.44 -0.18 -6.35
CA TRP A 32 -12.49 -1.28 -6.34
C TRP A 32 -13.20 -2.63 -6.36
N GLN A 33 -12.50 -3.64 -6.89
CA GLN A 33 -13.00 -5.01 -6.95
CA GLN A 33 -13.01 -5.01 -6.94
C GLN A 33 -12.03 -5.96 -6.26
N LEU A 34 -12.55 -6.79 -5.35
CA LEU A 34 -11.74 -7.83 -4.72
C LEU A 34 -11.68 -9.06 -5.62
N ASP A 35 -10.56 -9.76 -5.55
CA ASP A 35 -10.29 -10.91 -6.40
C ASP A 35 -9.39 -11.83 -5.59
N CYS A 36 -9.79 -13.09 -5.44
CA CYS A 36 -9.00 -14.05 -4.70
C CYS A 36 -8.60 -15.15 -5.68
N THR A 37 -7.30 -15.37 -5.80
CA THR A 37 -6.77 -16.41 -6.68
C THR A 37 -5.80 -17.32 -5.90
N HIS A 38 -5.54 -18.50 -6.44
CA HIS A 38 -4.78 -19.52 -5.72
C HIS A 38 -3.54 -19.97 -6.50
N LEU A 39 -2.47 -20.24 -5.76
CA LEU A 39 -1.19 -20.66 -6.32
C LEU A 39 -0.32 -21.29 -5.21
N GLU A 40 0.36 -22.39 -5.52
CA GLU A 40 1.26 -23.06 -4.56
C GLU A 40 0.58 -23.43 -3.23
N GLY A 41 -0.67 -23.88 -3.32
CA GLY A 41 -1.46 -24.16 -2.13
C GLY A 41 -1.74 -22.93 -1.27
N LYS A 42 -1.53 -21.76 -1.85
CA LYS A 42 -1.62 -20.50 -1.10
C LYS A 42 -2.65 -19.60 -1.76
N VAL A 43 -3.01 -18.55 -1.04
CA VAL A 43 -4.08 -17.66 -1.41
C VAL A 43 -3.52 -16.26 -1.68
N ILE A 44 -3.85 -15.70 -2.83
CA ILE A 44 -3.41 -14.35 -3.18
C ILE A 44 -4.66 -13.48 -3.26
N LEU A 45 -4.72 -12.48 -2.39
CA LEU A 45 -5.86 -11.58 -2.36
C LEU A 45 -5.48 -10.31 -3.10
N VAL A 46 -6.32 -9.90 -4.05
CA VAL A 46 -6.04 -8.77 -4.93
C VAL A 46 -7.18 -7.76 -4.85
N ALA A 47 -6.84 -6.48 -4.80
CA ALA A 47 -7.81 -5.40 -4.99
C ALA A 47 -7.46 -4.69 -6.28
N VAL A 48 -8.43 -4.58 -7.18
CA VAL A 48 -8.25 -3.92 -8.47
C VAL A 48 -9.06 -2.63 -8.52
N HIS A 49 -8.38 -1.53 -8.87
CA HIS A 49 -9.05 -0.27 -9.11
C HIS A 49 -9.61 -0.35 -10.51
N VAL A 50 -10.93 -0.47 -10.61
CA VAL A 50 -11.58 -0.95 -11.84
C VAL A 50 -11.28 -0.04 -13.04
N ALA A 51 -11.34 1.27 -12.82
CA ALA A 51 -11.17 2.24 -13.91
C ALA A 51 -9.75 2.31 -14.50
N SER A 52 -8.74 1.95 -13.70
CA SER A 52 -7.32 2.06 -14.13
C SER A 52 -6.62 0.71 -14.35
N GLY A 53 -7.08 -0.33 -13.67
CA GLY A 53 -6.38 -1.62 -13.65
C GLY A 53 -5.26 -1.70 -12.62
N TYR A 54 -5.09 -0.66 -11.82
CA TYR A 54 -4.08 -0.64 -10.76
C TYR A 54 -4.46 -1.65 -9.69
N ILE A 55 -3.47 -2.33 -9.14
CA ILE A 55 -3.72 -3.34 -8.11
C ILE A 55 -2.86 -3.20 -6.86
N GLU A 56 -3.40 -3.71 -5.76
CA GLU A 56 -2.61 -4.08 -4.58
C GLU A 56 -2.93 -5.54 -4.30
N ALA A 57 -1.97 -6.26 -3.73
CA ALA A 57 -2.14 -7.70 -3.48
C ALA A 57 -1.33 -8.15 -2.27
N GLU A 58 -1.79 -9.24 -1.68
CA GLU A 58 -1.10 -9.86 -0.54
CA GLU A 58 -1.11 -9.86 -0.55
C GLU A 58 -1.29 -11.37 -0.59
N VAL A 59 -0.30 -12.09 -0.06
CA VAL A 59 -0.44 -13.52 0.18
C VAL A 59 -0.98 -13.72 1.59
N ILE A 60 -2.02 -14.53 1.71
CA ILE A 60 -2.59 -14.87 3.00
C ILE A 60 -2.70 -16.39 3.10
N PRO A 61 -2.68 -16.95 4.33
CA PRO A 61 -2.73 -18.40 4.42
C PRO A 61 -4.08 -18.96 3.99
N ALA A 62 -5.14 -18.19 4.23
CA ALA A 62 -6.49 -18.54 3.78
C ALA A 62 -7.39 -17.31 3.75
N GLU A 63 -8.42 -17.34 2.90
CA GLU A 63 -9.32 -16.19 2.78
C GLU A 63 -10.41 -16.16 3.84
N THR A 64 -10.08 -15.62 4.99
CA THR A 64 -11.03 -15.46 6.08
C THR A 64 -11.59 -14.04 6.08
N GLY A 65 -12.68 -13.85 6.84
CA GLY A 65 -13.22 -12.51 7.04
C GLY A 65 -12.20 -11.58 7.66
N GLN A 66 -11.49 -12.08 8.67
CA GLN A 66 -10.49 -11.28 9.36
C GLN A 66 -9.37 -10.85 8.42
N GLU A 67 -8.88 -11.75 7.59
CA GLU A 67 -7.84 -11.38 6.61
C GLU A 67 -8.35 -10.35 5.61
N THR A 68 -9.56 -10.56 5.10
CA THR A 68 -10.13 -9.65 4.11
C THR A 68 -10.36 -8.27 4.71
N ALA A 69 -10.89 -8.25 5.93
CA ALA A 69 -11.12 -7.01 6.67
C ALA A 69 -9.86 -6.19 6.84
N TYR A 70 -8.78 -6.86 7.25
CA TYR A 70 -7.48 -6.18 7.44
C TYR A 70 -6.93 -5.64 6.13
N PHE A 71 -7.05 -6.43 5.07
CA PHE A 71 -6.62 -6.03 3.73
C PHE A 71 -7.35 -4.77 3.26
N LEU A 72 -8.66 -4.73 3.47
CA LEU A 72 -9.47 -3.56 3.10
C LEU A 72 -9.11 -2.32 3.92
N LEU A 73 -8.84 -2.51 5.20
CA LEU A 73 -8.41 -1.42 6.07
C LEU A 73 -7.12 -0.80 5.53
N LYS A 74 -6.16 -1.66 5.19
CA LYS A 74 -4.90 -1.19 4.61
CA LYS A 74 -4.90 -1.19 4.61
C LYS A 74 -5.14 -0.42 3.31
N LEU A 75 -5.95 -1.00 2.43
CA LEU A 75 -6.22 -0.39 1.13
C LEU A 75 -6.83 1.00 1.27
N ALA A 76 -7.83 1.11 2.14
CA ALA A 76 -8.58 2.36 2.30
C ALA A 76 -7.78 3.46 2.99
N GLY A 77 -6.73 3.07 3.73
CA GLY A 77 -5.82 4.05 4.32
C GLY A 77 -4.89 4.66 3.28
N ARG A 78 -4.75 3.97 2.14
CA ARG A 78 -3.75 4.29 1.13
C ARG A 78 -4.35 4.94 -0.13
N TRP A 79 -5.61 4.63 -0.42
CA TRP A 79 -6.34 5.18 -1.57
C TRP A 79 -7.76 5.52 -1.14
N PRO A 80 -8.44 6.42 -1.87
CA PRO A 80 -9.78 6.83 -1.46
C PRO A 80 -10.83 5.85 -1.95
N VAL A 81 -11.02 4.79 -1.17
CA VAL A 81 -11.87 3.66 -1.51
C VAL A 81 -13.30 3.99 -1.09
N LYS A 82 -14.18 4.19 -2.07
CA LYS A 82 -15.60 4.52 -1.81
C LYS A 82 -16.48 3.29 -1.85
N THR A 83 -16.22 2.41 -2.81
CA THR A 83 -17.06 1.24 -3.05
C THR A 83 -16.18 0.04 -3.30
N VAL A 84 -16.51 -1.08 -2.68
CA VAL A 84 -15.81 -2.35 -2.93
CA VAL A 84 -15.82 -2.34 -2.94
C VAL A 84 -16.82 -3.40 -3.41
N HIS A 85 -16.54 -3.97 -4.58
CA HIS A 85 -17.28 -5.12 -5.05
C HIS A 85 -16.57 -6.33 -4.47
N THR A 86 -17.24 -7.01 -3.54
CA THR A 86 -16.63 -8.14 -2.85
C THR A 86 -16.54 -9.34 -3.77
N ASP A 87 -15.60 -10.23 -3.47
CA ASP A 87 -15.23 -11.32 -4.39
C ASP A 87 -16.13 -12.54 -4.29
N ASN A 88 -16.84 -12.68 -3.18
CA ASN A 88 -17.73 -13.81 -2.96
C ASN A 88 -18.73 -13.50 -1.85
N GLY A 89 -19.69 -14.41 -1.66
CA GLY A 89 -20.78 -14.20 -0.73
C GLY A 89 -20.38 -14.31 0.72
N SER A 90 -19.34 -15.09 1.00
CA SER A 90 -18.84 -15.26 2.34
C SER A 90 -18.25 -13.94 2.85
N ASN A 91 -17.43 -13.29 2.03
CA ASN A 91 -16.93 -11.95 2.38
C ASN A 91 -18.01 -10.87 2.39
N PHE A 92 -19.02 -11.00 1.54
CA PHE A 92 -20.14 -10.06 1.52
C PHE A 92 -20.93 -10.15 2.83
N THR A 93 -21.09 -11.38 3.32
CA THR A 93 -21.87 -11.67 4.53
C THR A 93 -21.11 -11.38 5.83
N SER A 94 -19.79 -11.59 5.79
CA SER A 94 -18.92 -11.52 6.95
C SER A 94 -19.13 -10.27 7.80
N THR A 95 -19.41 -10.47 9.09
CA THR A 95 -19.58 -9.35 10.00
C THR A 95 -18.28 -8.57 10.18
N THR A 96 -17.16 -9.28 10.15
CA THR A 96 -15.84 -8.66 10.29
CA THR A 96 -15.82 -8.63 10.28
C THR A 96 -15.53 -7.77 9.07
N VAL A 97 -15.84 -8.27 7.87
CA VAL A 97 -15.68 -7.46 6.66
C VAL A 97 -16.62 -6.24 6.72
N LYS A 98 -17.87 -6.45 7.13
CA LYS A 98 -18.81 -5.35 7.23
C LYS A 98 -18.30 -4.29 8.22
N ALA A 99 -17.72 -4.75 9.32
CA ALA A 99 -17.17 -3.85 10.35
C ALA A 99 -16.02 -2.99 9.80
N ALA A 100 -15.14 -3.62 9.04
CA ALA A 100 -14.04 -2.90 8.41
C ALA A 100 -14.53 -1.88 7.40
N CYS A 101 -15.53 -2.26 6.60
CA CYS A 101 -16.10 -1.34 5.63
C CYS A 101 -16.77 -0.16 6.33
N TRP A 102 -17.48 -0.43 7.41
CA TRP A 102 -18.05 0.63 8.22
C TRP A 102 -16.94 1.55 8.75
N TRP A 103 -15.92 0.95 9.36
CA TRP A 103 -14.85 1.74 9.96
C TRP A 103 -14.21 2.68 8.94
N ALA A 104 -13.91 2.13 7.75
CA ALA A 104 -13.17 2.86 6.72
C ALA A 104 -14.05 3.70 5.75
N GLY A 105 -15.36 3.71 5.96
CA GLY A 105 -16.28 4.49 5.12
C GLY A 105 -16.44 3.94 3.72
N ILE A 106 -16.40 2.62 3.60
CA ILE A 106 -16.55 1.92 2.33
C ILE A 106 -17.96 1.37 2.18
N LYS A 107 -18.57 1.62 1.03
CA LYS A 107 -19.83 0.96 0.67
CA LYS A 107 -19.81 0.96 0.65
C LYS A 107 -19.51 -0.44 0.14
N GLN A 108 -20.00 -1.44 0.85
CA GLN A 108 -19.76 -2.80 0.50
C GLN A 108 -20.84 -3.26 -0.47
N GLU A 109 -20.43 -3.78 -1.62
CA GLU A 109 -21.36 -4.27 -2.64
C GLU A 109 -21.05 -5.71 -3.00
N ASP A 110 -21.99 -6.35 -3.70
CA ASP A 110 -21.75 -7.66 -4.28
C ASP A 110 -20.80 -7.52 -5.47
N GLY A 111 -20.43 -8.63 -6.09
CA GLY A 111 -19.43 -8.62 -7.15
C GLY A 111 -19.93 -9.31 -8.39
N ILE A 112 -21.24 -9.30 -8.58
CA ILE A 112 -21.82 -10.04 -9.70
C ILE A 112 -21.60 -9.28 -11.00
N PRO A 113 -21.00 -9.96 -12.00
CA PRO A 113 -20.82 -9.32 -13.29
C PRO A 113 -22.15 -9.20 -14.03
N TYR A 114 -22.93 -8.19 -13.66
CA TYR A 114 -24.15 -7.84 -14.39
C TYR A 114 -23.75 -7.54 -15.84
N ASN A 115 -22.50 -7.09 -16.01
CA ASN A 115 -21.82 -7.10 -17.30
C ASN A 115 -20.87 -8.30 -17.35
N PRO A 116 -21.18 -9.30 -18.20
CA PRO A 116 -20.39 -10.53 -18.16
C PRO A 116 -18.95 -10.43 -18.66
N GLN A 117 -18.60 -9.37 -19.38
CA GLN A 117 -17.21 -9.18 -19.82
C GLN A 117 -16.25 -8.87 -18.67
N SER A 118 -16.79 -8.31 -17.58
CA SER A 118 -16.02 -8.01 -16.36
C SER A 118 -15.24 -9.22 -15.81
N GLN A 119 -15.92 -10.35 -15.74
CA GLN A 119 -15.34 -11.58 -15.18
C GLN A 119 -14.12 -12.08 -15.99
N GLY A 120 -14.20 -12.02 -17.31
CA GLY A 120 -13.11 -12.43 -18.18
C GLY A 120 -11.87 -11.56 -18.03
N VAL A 121 -12.10 -10.28 -17.73
CA VAL A 121 -11.02 -9.33 -17.46
C VAL A 121 -10.23 -9.73 -16.21
N ILE A 122 -10.95 -10.11 -15.16
CA ILE A 122 -10.31 -10.53 -13.90
C ILE A 122 -9.57 -11.84 -14.08
N GLU A 123 -10.21 -12.74 -14.81
CA GLU A 123 -9.65 -14.04 -15.15
C GLU A 123 -8.32 -13.87 -15.90
N SER A 124 -8.32 -12.98 -16.88
CA SER A 124 -7.11 -12.64 -17.64
C SER A 124 -6.02 -12.03 -16.76
N MET A 125 -6.42 -11.15 -15.84
CA MET A 125 -5.43 -10.55 -14.92
C MET A 125 -4.80 -11.59 -14.02
N ASN A 126 -5.61 -12.52 -13.50
CA ASN A 126 -5.08 -13.59 -12.66
C ASN A 126 -4.04 -14.42 -13.41
N LYS A 127 -4.34 -14.73 -14.66
CA LYS A 127 -3.41 -15.46 -15.52
C LYS A 127 -2.11 -14.66 -15.76
N GLU A 128 -2.25 -13.37 -16.03
CA GLU A 128 -1.10 -12.46 -16.22
C GLU A 128 -0.24 -12.44 -14.96
N LEU A 129 -0.89 -12.27 -13.81
CA LEU A 129 -0.17 -12.20 -12.54
C LEU A 129 0.59 -13.48 -12.25
N LYS A 130 -0.06 -14.62 -12.47
CA LYS A 130 0.60 -15.90 -12.28
C LYS A 130 1.77 -16.09 -13.22
N LYS A 131 1.65 -15.56 -14.45
CA LYS A 131 2.71 -15.63 -15.44
C LYS A 131 3.93 -14.85 -14.96
N ILE A 132 3.72 -13.64 -14.46
CA ILE A 132 4.81 -12.82 -13.94
C ILE A 132 5.45 -13.51 -12.73
N ILE A 133 4.62 -14.04 -11.82
CA ILE A 133 5.12 -14.77 -10.67
C ILE A 133 6.08 -15.88 -11.11
N GLY A 134 5.70 -16.61 -12.16
CA GLY A 134 6.55 -17.67 -12.72
C GLY A 134 7.87 -17.14 -13.23
N GLN A 135 7.82 -15.96 -13.87
CA GLN A 135 9.00 -15.36 -14.46
C GLN A 135 10.00 -14.83 -13.43
N VAL A 136 9.58 -14.62 -12.20
CA VAL A 136 10.50 -14.14 -11.15
C VAL A 136 10.86 -15.19 -10.12
N ARG A 137 10.54 -16.46 -10.35
CA ARG A 137 10.79 -17.46 -9.32
C ARG A 137 12.26 -17.91 -9.26
N ASP A 138 13.10 -17.47 -10.20
CA ASP A 138 14.56 -17.61 -10.05
C ASP A 138 15.14 -16.50 -9.17
N GLN A 139 14.29 -15.57 -8.73
CA GLN A 139 14.73 -14.37 -8.02
C GLN A 139 14.23 -14.32 -6.58
N ALA A 140 13.05 -14.87 -6.34
CA ALA A 140 12.39 -14.77 -5.06
C ALA A 140 12.34 -16.14 -4.38
N GLU A 141 12.81 -16.20 -3.14
CA GLU A 141 12.72 -17.43 -2.35
C GLU A 141 11.29 -17.69 -1.91
N HIS A 142 10.59 -16.63 -1.51
CA HIS A 142 9.26 -16.74 -0.93
C HIS A 142 8.21 -16.21 -1.90
N LEU A 143 7.03 -16.84 -1.91
CA LEU A 143 5.94 -16.41 -2.79
C LEU A 143 5.57 -14.95 -2.56
N LYS A 144 5.55 -14.51 -1.31
CA LYS A 144 5.13 -13.13 -1.05
C LYS A 144 6.00 -12.10 -1.77
N THR A 145 7.30 -12.37 -1.85
CA THR A 145 8.19 -11.48 -2.60
C THR A 145 7.83 -11.48 -4.09
N ALA A 146 7.61 -12.68 -4.64
CA ALA A 146 7.23 -12.82 -6.05
C ALA A 146 5.93 -12.08 -6.36
N VAL A 147 4.97 -12.19 -5.45
CA VAL A 147 3.69 -11.50 -5.63
C VAL A 147 3.90 -9.98 -5.66
N GLN A 148 4.73 -9.46 -4.77
CA GLN A 148 4.96 -8.01 -4.77
C GLN A 148 5.77 -7.54 -5.99
N MET A 149 6.67 -8.40 -6.50
CA MET A 149 7.32 -8.13 -7.78
C MET A 149 6.29 -8.06 -8.92
N ALA A 150 5.34 -8.98 -8.89
CA ALA A 150 4.26 -9.00 -9.88
C ALA A 150 3.38 -7.75 -9.80
N VAL A 151 3.07 -7.30 -8.59
CA VAL A 151 2.31 -6.06 -8.41
C VAL A 151 3.07 -4.91 -9.06
N PHE A 152 4.37 -4.82 -8.76
CA PHE A 152 5.23 -3.79 -9.32
C PHE A 152 5.18 -3.80 -10.85
N ILE A 153 5.46 -4.97 -11.42
CA ILE A 153 5.52 -5.08 -12.87
C ILE A 153 4.16 -4.74 -13.49
N HIS A 154 3.09 -5.28 -12.90
CA HIS A 154 1.74 -4.99 -13.37
C HIS A 154 1.42 -3.49 -13.38
N ASN A 155 1.73 -2.81 -12.28
CA ASN A 155 1.34 -1.40 -12.15
C ASN A 155 2.20 -0.44 -12.97
N HIS A 156 3.40 -0.87 -13.33
CA HIS A 156 4.32 -0.04 -14.12
C HIS A 156 4.24 -0.34 -15.63
N LYS A 157 3.56 -1.43 -16.00
CA LYS A 157 3.53 -1.86 -17.40
C LYS A 157 2.83 -0.82 -18.27
N ARG A 158 3.48 -0.43 -19.36
CA ARG A 158 2.92 0.58 -20.24
C ARG A 158 2.07 -0.09 -21.31
N LYS A 159 0.85 0.43 -21.47
CA LYS A 159 -0.16 -0.16 -22.36
C LYS A 159 -0.58 0.84 -23.44
N GLY A 164 1.35 5.77 -24.42
CA GLY A 164 0.68 4.76 -23.60
C GLY A 164 1.05 4.85 -22.12
N TYR A 165 0.05 4.79 -21.26
CA TYR A 165 0.23 5.02 -19.83
C TYR A 165 0.21 3.70 -19.05
N SER A 166 0.78 3.73 -17.85
CA SER A 166 0.69 2.60 -16.92
C SER A 166 -0.54 2.71 -16.03
N ALA A 167 -0.92 1.59 -15.42
CA ALA A 167 -2.03 1.58 -14.46
C ALA A 167 -1.78 2.56 -13.31
N GLY A 168 -0.54 2.65 -12.86
CA GLY A 168 -0.17 3.58 -11.81
C GLY A 168 -0.40 5.02 -12.21
N GLU A 169 -0.02 5.35 -13.44
CA GLU A 169 -0.26 6.70 -13.96
C GLU A 169 -1.76 6.97 -14.10
N ARG A 170 -2.51 5.98 -14.55
CA ARG A 170 -3.94 6.13 -14.77
C ARG A 170 -4.69 6.37 -13.45
N ILE A 171 -4.38 5.60 -12.41
CA ILE A 171 -5.10 5.79 -11.15
C ILE A 171 -4.86 7.18 -10.56
N VAL A 172 -3.62 7.64 -10.59
CA VAL A 172 -3.30 8.97 -10.06
C VAL A 172 -4.03 10.05 -10.85
N ASP A 173 -4.00 9.95 -12.17
CA ASP A 173 -4.68 10.92 -13.05
C ASP A 173 -6.20 10.95 -12.79
N ILE A 174 -6.80 9.77 -12.68
CA ILE A 174 -8.23 9.65 -12.41
C ILE A 174 -8.62 10.29 -11.09
N ILE A 175 -7.89 9.96 -10.03
N ILE A 175 -7.89 9.96 -10.02
CA ILE A 175 -8.18 10.47 -8.69
CA ILE A 175 -8.19 10.48 -8.70
C ILE A 175 -7.92 11.98 -8.60
C ILE A 175 -7.92 11.98 -8.60
N ALA A 176 -6.82 12.43 -9.20
CA ALA A 176 -6.47 13.87 -9.20
C ALA A 176 -7.52 14.72 -9.92
N THR A 177 -8.00 14.20 -11.05
CA THR A 177 -9.07 14.87 -11.81
C THR A 177 -10.35 14.94 -10.99
N ASP A 178 -10.66 13.86 -10.26
CA ASP A 178 -11.82 13.82 -9.36
C ASP A 178 -11.73 14.87 -8.25
N ILE A 179 -10.57 14.93 -7.59
CA ILE A 179 -10.34 15.92 -6.53
C ILE A 179 -10.55 17.35 -7.04
N GLN A 180 -9.98 17.63 -8.22
CA GLN A 180 -10.08 18.94 -8.86
C GLN A 180 -11.32 19.01 -9.74
N SER B 27 12.74 14.21 -9.25
CA SER B 27 12.50 15.39 -8.38
C SER B 27 11.75 15.01 -7.09
N SER B 28 11.39 16.04 -6.36
CA SER B 28 10.56 15.96 -5.15
C SER B 28 9.29 15.08 -5.20
N PRO B 29 8.63 14.94 -6.37
CA PRO B 29 7.51 13.98 -6.38
C PRO B 29 7.89 12.54 -5.99
N GLY B 30 9.13 12.14 -6.28
CA GLY B 30 9.56 10.75 -6.07
C GLY B 30 10.34 10.48 -4.78
N ILE B 31 10.43 11.46 -3.88
CA ILE B 31 11.26 11.34 -2.68
C ILE B 31 10.49 10.85 -1.46
N TRP B 32 10.98 9.75 -0.88
CA TRP B 32 10.42 9.17 0.34
C TRP B 32 11.49 9.06 1.42
N GLN B 33 11.03 9.07 2.67
CA GLN B 33 11.90 8.92 3.85
CA GLN B 33 11.90 8.92 3.84
C GLN B 33 11.45 7.75 4.70
N LEU B 34 12.38 6.87 5.05
CA LEU B 34 12.11 5.78 5.97
C LEU B 34 12.22 6.26 7.41
N ASP B 35 11.41 5.69 8.28
CA ASP B 35 11.33 6.09 9.68
C ASP B 35 10.95 4.83 10.46
N CYS B 36 11.75 4.49 11.46
CA CYS B 36 11.47 3.33 12.29
C CYS B 36 11.22 3.82 13.70
N THR B 37 10.04 3.49 14.23
CA THR B 37 9.68 3.85 15.60
C THR B 37 9.23 2.61 16.38
N HIS B 38 9.23 2.72 17.70
CA HIS B 38 8.99 1.56 18.57
C HIS B 38 7.83 1.77 19.51
N LEU B 39 7.08 0.71 19.75
CA LEU B 39 5.89 0.71 20.62
C LEU B 39 5.55 -0.74 21.02
N GLU B 40 5.18 -0.94 22.28
CA GLU B 40 4.77 -2.27 22.79
C GLU B 40 5.79 -3.37 22.53
N GLY B 41 7.07 -3.04 22.68
CA GLY B 41 8.16 -3.97 22.36
C GLY B 41 8.21 -4.38 20.90
N LYS B 42 7.56 -3.59 20.05
CA LYS B 42 7.44 -3.90 18.64
C LYS B 42 7.94 -2.75 17.80
N VAL B 43 8.12 -3.03 16.52
CA VAL B 43 8.76 -2.11 15.60
C VAL B 43 7.75 -1.70 14.53
N ILE B 44 7.61 -0.39 14.32
CA ILE B 44 6.72 0.15 13.30
C ILE B 44 7.60 0.82 12.26
N LEU B 45 7.55 0.31 11.04
CA LEU B 45 8.33 0.86 9.95
C LEU B 45 7.42 1.75 9.10
N VAL B 46 7.86 2.98 8.87
CA VAL B 46 7.06 3.99 8.19
C VAL B 46 7.83 4.53 6.98
N ALA B 47 7.13 4.70 5.85
CA ALA B 47 7.65 5.46 4.72
C ALA B 47 6.82 6.71 4.57
N VAL B 48 7.50 7.85 4.54
CA VAL B 48 6.85 9.15 4.40
C VAL B 48 7.18 9.77 3.06
N HIS B 49 6.15 10.17 2.33
CA HIS B 49 6.33 10.92 1.10
C HIS B 49 6.55 12.36 1.51
N VAL B 50 7.79 12.82 1.36
CA VAL B 50 8.26 14.02 2.06
C VAL B 50 7.43 15.26 1.69
N ALA B 51 7.14 15.42 0.40
CA ALA B 51 6.43 16.61 -0.09
C ALA B 51 4.98 16.74 0.36
N SER B 52 4.32 15.60 0.65
CA SER B 52 2.89 15.58 1.01
C SER B 52 2.60 15.23 2.47
N GLY B 53 3.49 14.47 3.11
CA GLY B 53 3.25 13.92 4.43
C GLY B 53 2.46 12.61 4.42
N TYR B 54 2.17 12.10 3.23
CA TYR B 54 1.46 10.82 3.09
C TYR B 54 2.37 9.70 3.58
N ILE B 55 1.77 8.71 4.24
CA ILE B 55 2.54 7.59 4.77
C ILE B 55 1.98 6.20 4.41
N GLU B 56 2.88 5.23 4.40
CA GLU B 56 2.52 3.82 4.53
C GLU B 56 3.33 3.29 5.70
N ALA B 57 2.79 2.29 6.39
CA ALA B 57 3.44 1.73 7.57
C ALA B 57 3.10 0.27 7.78
N GLU B 58 4.00 -0.42 8.49
CA GLU B 58 3.80 -1.83 8.83
CA GLU B 58 3.82 -1.82 8.82
C GLU B 58 4.43 -2.11 10.18
N VAL B 59 3.85 -3.09 10.89
CA VAL B 59 4.46 -3.63 12.09
C VAL B 59 5.35 -4.81 11.69
N ILE B 60 6.59 -4.80 12.15
CA ILE B 60 7.51 -5.91 11.92
C ILE B 60 8.09 -6.35 13.25
N PRO B 61 8.52 -7.63 13.36
CA PRO B 61 9.02 -8.06 14.66
C PRO B 61 10.35 -7.40 15.01
N ALA B 62 11.15 -7.10 13.99
CA ALA B 62 12.41 -6.36 14.15
C ALA B 62 12.87 -5.75 12.83
N GLU B 63 13.64 -4.66 12.91
CA GLU B 63 14.08 -3.98 11.70
C GLU B 63 15.33 -4.61 11.08
N THR B 64 15.10 -5.63 10.27
CA THR B 64 16.19 -6.29 9.56
C THR B 64 16.28 -5.77 8.13
N GLY B 65 17.38 -6.07 7.46
CA GLY B 65 17.53 -5.76 6.04
C GLY B 65 16.43 -6.40 5.23
N GLN B 66 16.14 -7.67 5.51
CA GLN B 66 15.13 -8.42 4.77
C GLN B 66 13.75 -7.79 4.93
N GLU B 67 13.39 -7.40 6.14
CA GLU B 67 12.11 -6.72 6.36
C GLU B 67 12.04 -5.38 5.63
N THR B 68 13.11 -4.60 5.72
CA THR B 68 13.13 -3.27 5.08
C THR B 68 13.05 -3.41 3.57
N ALA B 69 13.81 -4.37 3.03
CA ALA B 69 13.81 -4.65 1.60
C ALA B 69 12.42 -4.97 1.07
N TYR B 70 11.72 -5.85 1.78
CA TYR B 70 10.37 -6.25 1.39
C TYR B 70 9.38 -5.08 1.45
N PHE B 71 9.50 -4.28 2.51
CA PHE B 71 8.68 -3.08 2.67
C PHE B 71 8.88 -2.09 1.51
N LEU B 72 10.13 -1.88 1.11
CA LEU B 72 10.43 -0.99 -0.02
C LEU B 72 9.89 -1.54 -1.34
N LEU B 73 9.99 -2.86 -1.52
CA LEU B 73 9.45 -3.50 -2.72
C LEU B 73 7.94 -3.24 -2.82
N LYS B 74 7.24 -3.44 -1.71
CA LYS B 74 5.80 -3.17 -1.65
CA LYS B 74 5.80 -3.17 -1.66
C LYS B 74 5.51 -1.70 -1.99
N LEU B 75 6.24 -0.80 -1.36
CA LEU B 75 6.01 0.63 -1.55
C LEU B 75 6.19 1.04 -3.00
N ALA B 76 7.28 0.58 -3.62
CA ALA B 76 7.63 0.99 -4.98
C ALA B 76 6.69 0.39 -6.03
N GLY B 77 6.01 -0.69 -5.70
CA GLY B 77 5.01 -1.26 -6.59
C GLY B 77 3.72 -0.45 -6.59
N ARG B 78 3.55 0.37 -5.56
CA ARG B 78 2.31 1.08 -5.30
C ARG B 78 2.37 2.58 -5.59
N TRP B 79 3.57 3.17 -5.49
CA TRP B 79 3.82 4.58 -5.78
C TRP B 79 5.12 4.71 -6.55
N PRO B 80 5.32 5.81 -7.30
CA PRO B 80 6.52 5.95 -8.11
C PRO B 80 7.69 6.47 -7.27
N VAL B 81 8.35 5.53 -6.59
CA VAL B 81 9.42 5.83 -5.65
C VAL B 81 10.74 5.95 -6.41
N LYS B 82 11.27 7.18 -6.46
CA LYS B 82 12.54 7.46 -7.16
C LYS B 82 13.73 7.45 -6.21
N THR B 83 13.54 8.02 -5.04
CA THR B 83 14.63 8.19 -4.08
C THR B 83 14.12 7.84 -2.71
N VAL B 84 14.91 7.10 -1.95
CA VAL B 84 14.59 6.81 -0.56
CA VAL B 84 14.58 6.83 -0.56
C VAL B 84 15.73 7.26 0.34
N HIS B 85 15.39 8.11 1.32
CA HIS B 85 16.32 8.46 2.37
C HIS B 85 16.16 7.40 3.44
N THR B 86 17.19 6.58 3.60
CA THR B 86 17.14 5.46 4.55
CA THR B 86 17.16 5.46 4.53
C THR B 86 17.21 5.98 5.97
N ASP B 87 16.67 5.19 6.91
CA ASP B 87 16.48 5.64 8.29
C ASP B 87 17.71 5.52 9.18
N ASN B 88 18.64 4.68 8.78
CA ASN B 88 19.88 4.46 9.55
C ASN B 88 20.95 3.83 8.68
N GLY B 89 22.15 3.72 9.24
CA GLY B 89 23.30 3.24 8.48
C GLY B 89 23.30 1.77 8.20
N SER B 90 22.63 1.00 9.06
CA SER B 90 22.51 -0.44 8.87
C SER B 90 21.68 -0.74 7.62
N ASN B 91 20.55 -0.07 7.47
CA ASN B 91 19.75 -0.21 6.26
C ASN B 91 20.41 0.39 5.02
N PHE B 92 21.20 1.44 5.19
CA PHE B 92 21.94 2.06 4.08
C PHE B 92 23.00 1.07 3.56
N THR B 93 23.63 0.35 4.48
CA THR B 93 24.71 -0.59 4.17
C THR B 93 24.20 -1.93 3.64
N SER B 94 23.05 -2.36 4.16
CA SER B 94 22.47 -3.68 3.89
C SER B 94 22.47 -4.08 2.42
N THR B 95 23.09 -5.21 2.11
CA THR B 95 23.11 -5.71 0.74
C THR B 95 21.70 -6.08 0.26
N THR B 96 20.87 -6.58 1.17
CA THR B 96 19.50 -6.94 0.86
CA THR B 96 19.48 -6.93 0.83
C THR B 96 18.66 -5.70 0.52
N VAL B 97 18.84 -4.63 1.30
CA VAL B 97 18.17 -3.37 0.99
C VAL B 97 18.68 -2.82 -0.35
N LYS B 98 20.00 -2.87 -0.58
CA LYS B 98 20.55 -2.39 -1.84
C LYS B 98 19.99 -3.18 -3.03
N ALA B 99 19.83 -4.49 -2.84
CA ALA B 99 19.27 -5.37 -3.88
C ALA B 99 17.81 -5.00 -4.22
N ALA B 100 17.03 -4.73 -3.19
CA ALA B 100 15.65 -4.31 -3.39
C ALA B 100 15.57 -2.96 -4.11
N CYS B 101 16.43 -2.03 -3.73
CA CYS B 101 16.45 -0.71 -4.37
C CYS B 101 16.86 -0.87 -5.83
N TRP B 102 17.85 -1.71 -6.10
CA TRP B 102 18.23 -1.99 -7.48
C TRP B 102 17.05 -2.59 -8.25
N TRP B 103 16.42 -3.60 -7.68
CA TRP B 103 15.32 -4.29 -8.35
C TRP B 103 14.22 -3.29 -8.73
N ALA B 104 13.84 -2.44 -7.77
CA ALA B 104 12.70 -1.52 -7.92
C ALA B 104 13.05 -0.16 -8.57
N GLY B 105 14.30 0.06 -8.94
CA GLY B 105 14.73 1.30 -9.59
C GLY B 105 14.75 2.50 -8.66
N ILE B 106 15.07 2.24 -7.39
CA ILE B 106 15.13 3.27 -6.37
C ILE B 106 16.57 3.70 -6.12
N LYS B 107 16.80 5.00 -6.11
CA LYS B 107 18.08 5.57 -5.65
CA LYS B 107 18.09 5.54 -5.66
C LYS B 107 18.11 5.57 -4.14
N GLN B 108 19.03 4.83 -3.56
CA GLN B 108 19.14 4.72 -2.14
C GLN B 108 20.07 5.83 -1.65
N GLU B 109 19.59 6.62 -0.70
CA GLU B 109 20.38 7.71 -0.12
C GLU B 109 20.44 7.59 1.39
N ASP B 110 21.35 8.35 1.98
CA ASP B 110 21.40 8.47 3.44
C ASP B 110 20.21 9.29 3.91
N GLY B 111 20.09 9.47 5.22
CA GLY B 111 18.93 10.14 5.79
C GLY B 111 19.37 11.28 6.67
N ILE B 112 20.53 11.85 6.35
CA ILE B 112 21.16 12.87 7.19
C ILE B 112 20.39 14.18 7.02
N PRO B 113 19.88 14.73 8.13
CA PRO B 113 19.16 16.00 8.07
C PRO B 113 20.13 17.15 7.88
N TYR B 114 20.62 17.31 6.65
CA TYR B 114 21.43 18.47 6.27
C TYR B 114 20.58 19.72 6.54
N ASN B 115 19.26 19.54 6.46
CA ASN B 115 18.31 20.49 7.01
C ASN B 115 17.84 19.97 8.37
N PRO B 116 18.23 20.65 9.47
CA PRO B 116 17.96 20.09 10.79
C PRO B 116 16.49 20.09 11.24
N GLN B 117 15.64 20.88 10.58
CA GLN B 117 14.21 20.89 10.89
C GLN B 117 13.53 19.57 10.50
N SER B 118 14.11 18.86 9.54
CA SER B 118 13.60 17.58 9.07
C SER B 118 13.39 16.58 10.20
N GLN B 119 14.38 16.44 11.07
CA GLN B 119 14.30 15.48 12.20
C GLN B 119 13.10 15.72 13.10
N GLY B 120 12.87 16.99 13.45
CA GLY B 120 11.77 17.36 14.35
C GLY B 120 10.40 17.06 13.77
N VAL B 121 10.30 17.17 12.45
CA VAL B 121 9.08 16.83 11.72
C VAL B 121 8.73 15.35 11.86
N ILE B 122 9.75 14.50 11.71
CA ILE B 122 9.58 13.04 11.82
C ILE B 122 9.23 12.66 13.25
N GLU B 123 9.95 13.30 14.18
CA GLU B 123 9.73 13.12 15.60
C GLU B 123 8.29 13.43 15.98
N SER B 124 7.81 14.57 15.49
CA SER B 124 6.41 14.98 15.68
C SER B 124 5.42 13.99 15.08
N MET B 125 5.71 13.49 13.89
CA MET B 125 4.83 12.51 13.25
C MET B 125 4.76 11.22 14.05
N ASN B 126 5.91 10.75 14.55
CA ASN B 126 5.92 9.54 15.38
C ASN B 126 5.06 9.69 16.63
N LYS B 127 5.15 10.86 17.26
CA LYS B 127 4.32 11.19 18.42
CA LYS B 127 4.31 11.17 18.42
C LYS B 127 2.83 11.19 18.06
N GLU B 128 2.51 11.81 16.93
CA GLU B 128 1.13 11.88 16.43
C GLU B 128 0.60 10.47 16.16
N LEU B 129 1.40 9.65 15.48
CA LEU B 129 0.98 8.30 15.16
C LEU B 129 0.74 7.47 16.41
N LYS B 130 1.64 7.58 17.38
CA LYS B 130 1.47 6.87 18.63
C LYS B 130 0.22 7.33 19.38
N LYS B 131 -0.09 8.62 19.27
CA LYS B 131 -1.28 9.20 19.89
C LYS B 131 -2.54 8.59 19.30
N ILE B 132 -2.60 8.51 17.98
CA ILE B 132 -3.74 7.90 17.30
C ILE B 132 -3.85 6.41 17.68
N ILE B 133 -2.72 5.70 17.67
CA ILE B 133 -2.71 4.30 18.07
C ILE B 133 -3.36 4.13 19.45
N GLY B 134 -3.02 5.02 20.38
CA GLY B 134 -3.60 4.99 21.72
C GLY B 134 -5.09 5.20 21.70
N GLN B 135 -5.55 6.10 20.84
CA GLN B 135 -6.96 6.44 20.74
C GLN B 135 -7.83 5.33 20.14
N VAL B 136 -7.21 4.37 19.44
CA VAL B 136 -7.99 3.27 18.86
C VAL B 136 -7.77 1.93 19.55
N ARG B 137 -7.14 1.93 20.72
CA ARG B 137 -6.82 0.64 21.34
C ARG B 137 -8.03 0.01 22.05
N ASP B 138 -9.16 0.72 22.15
CA ASP B 138 -10.41 0.08 22.57
C ASP B 138 -11.10 -0.61 21.39
N GLN B 139 -10.51 -0.51 20.20
CA GLN B 139 -11.13 -0.99 18.97
C GLN B 139 -10.37 -2.14 18.33
N ALA B 140 -9.05 -2.14 18.50
CA ALA B 140 -8.19 -3.09 17.84
C ALA B 140 -7.57 -4.05 18.85
N GLU B 141 -7.71 -5.34 18.61
CA GLU B 141 -7.06 -6.36 19.45
C GLU B 141 -5.56 -6.38 19.23
N HIS B 142 -5.15 -6.25 17.97
CA HIS B 142 -3.75 -6.40 17.57
C HIS B 142 -3.17 -5.06 17.17
N LEU B 143 -1.90 -4.86 17.49
CA LEU B 143 -1.20 -3.61 17.16
C LEU B 143 -1.27 -3.31 15.65
N LYS B 144 -1.12 -4.34 14.83
CA LYS B 144 -1.07 -4.11 13.38
C LYS B 144 -2.35 -3.44 12.87
N THR B 145 -3.50 -3.83 13.44
CA THR B 145 -4.76 -3.19 13.08
C THR B 145 -4.75 -1.72 13.49
N ALA B 146 -4.31 -1.45 14.71
CA ALA B 146 -4.24 -0.08 15.24
C ALA B 146 -3.32 0.79 14.37
N VAL B 147 -2.20 0.23 13.95
CA VAL B 147 -1.27 0.95 13.09
C VAL B 147 -1.92 1.31 11.75
N GLN B 148 -2.67 0.37 11.16
CA GLN B 148 -3.33 0.67 9.88
C GLN B 148 -4.48 1.67 10.05
N MET B 149 -5.16 1.64 11.19
CA MET B 149 -6.13 2.68 11.51
C MET B 149 -5.45 4.05 11.60
N ALA B 150 -4.29 4.09 12.23
CA ALA B 150 -3.49 5.32 12.32
C ALA B 150 -3.05 5.84 10.95
N VAL B 151 -2.63 4.93 10.08
CA VAL B 151 -2.27 5.30 8.72
C VAL B 151 -3.47 5.98 8.04
N PHE B 152 -4.63 5.33 8.16
CA PHE B 152 -5.87 5.85 7.57
C PHE B 152 -6.17 7.26 8.10
N ILE B 153 -6.19 7.39 9.41
CA ILE B 153 -6.53 8.68 10.01
C ILE B 153 -5.51 9.74 9.60
N HIS B 154 -4.23 9.39 9.64
CA HIS B 154 -3.17 10.31 9.24
C HIS B 154 -3.35 10.80 7.81
N ASN B 155 -3.58 9.89 6.88
CA ASN B 155 -3.63 10.24 5.46
C ASN B 155 -4.90 10.96 5.05
N HIS B 156 -5.97 10.82 5.82
CA HIS B 156 -7.25 11.47 5.53
C HIS B 156 -7.41 12.80 6.28
N LYS B 157 -6.54 13.07 7.25
CA LYS B 157 -6.68 14.26 8.10
C LYS B 157 -6.55 15.53 7.28
N ARG B 158 -7.51 16.42 7.43
CA ARG B 158 -7.48 17.66 6.65
C ARG B 158 -6.76 18.74 7.43
N LYS B 159 -5.81 19.40 6.76
CA LYS B 159 -4.92 20.36 7.39
C LYS B 159 -5.06 21.74 6.74
N GLY B 164 -8.48 23.37 2.89
CA GLY B 164 -7.41 22.54 3.42
C GLY B 164 -7.48 21.10 2.93
N TYR B 165 -6.33 20.59 2.49
CA TYR B 165 -6.26 19.25 1.87
C TYR B 165 -5.67 18.22 2.81
N SER B 166 -5.94 16.95 2.51
CA SER B 166 -5.32 15.83 3.23
C SER B 166 -4.01 15.42 2.55
N ALA B 167 -3.18 14.69 3.28
CA ALA B 167 -1.94 14.16 2.74
C ALA B 167 -2.21 13.27 1.52
N GLY B 168 -3.30 12.51 1.56
CA GLY B 168 -3.68 11.66 0.45
C GLY B 168 -4.00 12.48 -0.80
N GLU B 169 -4.73 13.57 -0.61
CA GLU B 169 -5.03 14.47 -1.72
C GLU B 169 -3.76 15.13 -2.26
N ARG B 170 -2.86 15.52 -1.36
CA ARG B 170 -1.62 16.19 -1.75
C ARG B 170 -0.71 15.28 -2.58
N ILE B 171 -0.54 14.03 -2.15
CA ILE B 171 0.37 13.14 -2.90
C ILE B 171 -0.16 12.89 -4.31
N VAL B 172 -1.46 12.64 -4.45
CA VAL B 172 -2.04 12.40 -5.77
C VAL B 172 -1.87 13.63 -6.67
N ASP B 173 -2.16 14.80 -6.14
CA ASP B 173 -2.00 16.06 -6.88
CA ASP B 173 -2.01 16.05 -6.90
C ASP B 173 -0.57 16.28 -7.33
N ILE B 174 0.37 16.08 -6.41
CA ILE B 174 1.79 16.25 -6.71
C ILE B 174 2.25 15.31 -7.82
N ILE B 175 1.90 14.04 -7.72
CA ILE B 175 2.33 13.04 -8.71
C ILE B 175 1.63 13.27 -10.06
N ALA B 176 0.34 13.59 -10.03
CA ALA B 176 -0.41 13.85 -11.26
C ALA B 176 0.14 15.05 -12.02
N THR B 177 0.49 16.10 -11.28
CA THR B 177 1.10 17.29 -11.89
C THR B 177 2.44 16.96 -12.52
N ASP B 178 3.22 16.11 -11.84
CA ASP B 178 4.51 15.63 -12.36
C ASP B 178 4.35 14.85 -13.67
N ILE B 179 3.41 13.92 -13.69
CA ILE B 179 3.13 13.13 -14.89
C ILE B 179 2.77 14.02 -16.07
N GLN B 180 1.90 15.00 -15.84
CA GLN B 180 1.48 15.94 -16.88
C GLN B 180 2.57 16.97 -17.22
S SO4 C . -8.04 -19.50 -8.96
O1 SO4 C . -8.82 -19.42 -7.70
O2 SO4 C . -8.59 -20.57 -9.84
O3 SO4 C . -6.64 -19.85 -8.64
O4 SO4 C . -8.12 -18.21 -9.65
S SO4 D . 7.09 -19.55 0.98
O1 SO4 D . 6.97 -18.44 1.95
O2 SO4 D . 6.68 -19.08 -0.36
O3 SO4 D . 6.20 -20.65 1.40
O4 SO4 D . 8.48 -20.04 0.94
S SO4 E . 13.21 -13.62 -1.02
O1 SO4 E . 13.69 -14.02 0.32
O2 SO4 E . 11.77 -13.95 -1.14
O3 SO4 E . 13.98 -14.31 -2.07
O4 SO4 E . 13.41 -12.15 -1.19
C1 GOL F . -17.35 -12.92 10.62
O1 GOL F . -18.62 -13.52 10.33
C2 GOL F . -16.22 -13.84 10.16
O2 GOL F . -16.12 -13.71 8.74
C3 GOL F . -14.90 -13.47 10.83
O3 GOL F . -14.13 -14.66 11.05
C ACT G . -2.32 -4.27 0.62
O ACT G . -1.58 -4.43 -0.38
OXT ACT G . -2.04 -4.81 1.71
CH3 ACT G . -3.56 -3.43 0.51
C1 HLR H . 2.08 4.68 -9.37
C1 HLR H . 2.91 4.93 -10.62
C2 HLR H . 2.38 3.36 -9.12
C2 HLR H . 3.65 3.97 -11.28
C3 HLR H . 3.22 2.73 -9.99
C3 HLR H . 3.58 2.69 -10.77
C4 HLR H . 3.76 3.37 -11.08
C4 HLR H . 2.82 2.36 -9.68
C5 HLR H . 3.49 4.68 -11.36
C5 HLR H . 2.08 3.30 -9.02
C6 HLR H . 2.64 5.28 -10.47
C6 HLR H . 2.15 4.57 -9.53
C HLR H . 1.29 5.70 -8.76
C HLR H . 2.67 6.32 -10.78
N1 HLR H . 1.38 6.83 -9.46
N1 HLR H . 1.84 6.77 -9.84
N2 HLR H . 0.57 5.49 -7.64
N2 HLR H . 3.25 7.04 -11.76
O7 HLR H . 2.23 6.58 -10.54
O7 HLR H . 1.51 5.66 -9.06
S SO4 I . 11.27 5.59 18.91
O1 SO4 I . 11.86 6.31 20.06
O2 SO4 I . 10.12 4.80 19.40
O3 SO4 I . 12.26 4.67 18.33
O4 SO4 I . 10.86 6.56 17.88
S SO4 J . -0.47 -8.22 18.92
O1 SO4 J . 0.83 -8.59 19.53
O2 SO4 J . -1.57 -8.76 19.74
O3 SO4 J . -0.54 -8.78 17.55
O4 SO4 J . -0.57 -6.74 18.87
S SO4 K . -8.34 -6.80 15.60
O1 SO4 K . -9.09 -6.24 16.74
O2 SO4 K . -8.33 -8.29 15.70
O3 SO4 K . -6.94 -6.32 15.59
O4 SO4 K . -9.03 -6.40 14.35
C1 GOL L . 20.17 -8.95 5.29
O1 GOL L . 19.78 -9.74 6.43
C2 GOL L . 21.38 -8.05 5.58
O2 GOL L . 20.96 -6.74 5.93
C3 GOL L . 22.26 -7.95 4.35
O3 GOL L . 23.54 -7.43 4.76
C ACT M . 3.49 -1.07 3.05
O ACT M . 3.58 -2.30 3.20
OXT ACT M . 2.62 -0.41 3.67
CH3 ACT M . 4.43 -0.39 2.11
C1 HLR N . -5.55 8.97 -0.81
C1 HLR N . -6.77 10.08 -0.57
C2 HLR N . -5.35 8.37 0.42
C2 HLR N . -7.30 10.12 0.72
C3 HLR N . -6.13 8.80 1.46
C3 HLR N . -6.74 9.27 1.64
C4 HLR N . -7.06 9.80 1.32
C4 HLR N . -5.70 8.43 1.33
C5 HLR N . -7.27 10.42 0.12
C5 HLR N . -5.17 8.39 0.07
C6 HLR N . -6.49 9.98 -0.91
C6 HLR N . -5.73 9.23 -0.84
C HLR N . -5.00 8.88 -2.12
C HLR N . -7.01 10.75 -1.78
N1 HLR N . -5.59 9.75 -2.95
N1 HLR N . -6.17 10.33 -2.74
N2 HLR N . -4.03 8.00 -2.44
N2 HLR N . -7.98 11.68 -1.90
O7 HLR N . -6.52 10.44 -2.19
O7 HLR N . -5.38 9.37 -2.13
#